data_3S5A
#
_entry.id   3S5A
#
_cell.length_a   45.968
_cell.length_b   60.610
_cell.length_c   65.588
_cell.angle_alpha   90.00
_cell.angle_beta   90.52
_cell.angle_gamma   90.00
#
_symmetry.space_group_name_H-M   'P 1 21 1'
#
loop_
_entity.id
_entity.type
_entity.pdbx_description
1 polymer 'Alpha-ketoglutarate-dependent dioxygenase alkB homolog 2'
2 polymer "5'-D(*CP*TP*GP*TP*CP*TP*CP*AP*CP*TP*GP*TP*CP*G)-3'"
3 polymer "5'-D(*TP*CP*GP*AP*CP*AP*GP*TP*GP*AP*GP*AP*CP*A)-3'"
4 non-polymer 'MANGANESE (II) ION'
5 non-polymer '2-OXOGLUTARIC ACID'
6 non-polymer GLYCEROL
7 non-polymer propane-1-thiol
8 water water
#
loop_
_entity_poly.entity_id
_entity_poly.type
_entity_poly.pdbx_seq_one_letter_code
_entity_poly.pdbx_strand_id
1 'polypeptide(L)'
;MSWRHIRAEGLDSSYTVLFGKAEADEIFQELEKEVEYFTGALARVQVFGKWHSVPRKQATYGDAGLTYTFSGLTLSPKPW
IPVLERIRDHVSGVTGQTFNFVLINRYKDGSDHICEHRDDERELAPGSPIASVSFGASRDFVFRHKDSRGKSPSRRVAVV
RLPLAHGSLLMMNHPTNTHWYHSLPVRKKVLAPRVNLTFRKILL
;
A
2 'polydeoxyribonucleotide' (DC)(DT)(DG)(DT)(DC)(DT)(DC)(DA)(DC)(DT)(DG)(DT)(DC)(DG) B
3 'polydeoxyribonucleotide' (DT)(DC)(DG)(DA)(DC)(DA)(DG)(DT)(DG)(DA)(DG)(DA)(DC)(DA) C
#
loop_
_chem_comp.id
_chem_comp.type
_chem_comp.name
_chem_comp.formula
AKG non-polymer '2-OXOGLUTARIC ACID' 'C5 H6 O5'
DA DNA linking 2'-DEOXYADENOSINE-5'-MONOPHOSPHATE 'C10 H14 N5 O6 P'
DC DNA linking 2'-DEOXYCYTIDINE-5'-MONOPHOSPHATE 'C9 H14 N3 O7 P'
DG DNA linking 2'-DEOXYGUANOSINE-5'-MONOPHOSPHATE 'C10 H14 N5 O7 P'
DT DNA linking THYMIDINE-5'-MONOPHOSPHATE 'C10 H15 N2 O8 P'
GOL non-polymer GLYCEROL 'C3 H8 O3'
MN non-polymer 'MANGANESE (II) ION' 'Mn 2'
XL3 non-polymer propane-1-thiol 'C3 H8 S'
#
# COMPACT_ATOMS: atom_id res chain seq x y z
N MET A 1 -17.53 14.31 -0.21
CA MET A 1 -16.96 12.95 0.06
C MET A 1 -17.19 12.50 1.49
N SER A 2 -17.51 11.22 1.64
CA SER A 2 -17.87 10.64 2.93
C SER A 2 -16.70 9.82 3.45
N TRP A 3 -16.31 10.03 4.71
CA TRP A 3 -15.25 9.23 5.31
C TRP A 3 -15.75 8.18 6.27
N ARG A 4 -15.18 6.98 6.16
CA ARG A 4 -15.41 5.92 7.13
C ARG A 4 -14.24 5.85 8.10
N HIS A 5 -14.53 6.06 9.38
CA HIS A 5 -13.52 5.94 10.43
C HIS A 5 -13.45 4.50 10.88
N ILE A 6 -12.32 3.85 10.58
CA ILE A 6 -12.09 2.46 10.95
C ILE A 6 -11.36 2.42 12.28
N ARG A 7 -12.05 1.90 13.30
CA ARG A 7 -11.48 1.87 14.63
C ARG A 7 -11.66 0.52 15.29
N ALA A 8 -10.60 0.11 15.99
CA ALA A 8 -10.58 -1.06 16.84
C ALA A 8 -9.47 -0.81 17.84
N GLU A 9 -9.18 -1.79 18.69
CA GLU A 9 -8.09 -1.65 19.65
C GLU A 9 -6.75 -1.45 18.94
N GLY A 10 -6.19 -0.25 19.06
CA GLY A 10 -4.87 0.08 18.54
C GLY A 10 -4.88 0.30 17.02
N LEU A 11 -6.09 0.40 16.47
CA LEU A 11 -6.33 0.62 15.03
C LEU A 11 -7.05 1.96 14.77
N ASP A 12 -6.47 2.77 13.89
CA ASP A 12 -6.99 4.10 13.56
C ASP A 12 -6.71 4.33 12.08
N SER A 13 -7.71 4.07 11.25
CA SER A 13 -7.59 4.30 9.80
C SER A 13 -8.85 4.99 9.27
N SER A 14 -8.70 5.74 8.19
N SER A 14 -8.71 5.73 8.17
CA SER A 14 -9.85 6.34 7.55
CA SER A 14 -9.87 6.39 7.57
C SER A 14 -9.95 5.89 6.11
C SER A 14 -9.95 6.04 6.08
N TYR A 15 -11.16 5.74 5.61
CA TYR A 15 -11.38 5.27 4.24
C TYR A 15 -12.39 6.12 3.45
N THR A 16 -12.03 6.49 2.22
CA THR A 16 -12.96 7.22 1.36
C THR A 16 -12.70 6.89 -0.10
N VAL A 17 -13.71 7.07 -0.94
CA VAL A 17 -13.51 7.04 -2.38
C VAL A 17 -13.09 8.45 -2.79
N LEU A 18 -11.79 8.60 -3.02
CA LEU A 18 -11.17 9.90 -3.18
C LEU A 18 -11.31 10.43 -4.62
N PHE A 19 -11.28 9.51 -5.58
CA PHE A 19 -11.42 9.81 -7.00
C PHE A 19 -12.71 9.19 -7.56
N GLY A 20 -13.50 10.00 -8.26
CA GLY A 20 -14.71 9.49 -8.87
C GLY A 20 -14.37 8.63 -10.07
N LYS A 21 -15.36 7.90 -10.58
CA LYS A 21 -15.12 6.88 -11.60
C LYS A 21 -14.36 7.37 -12.83
N ALA A 22 -14.76 8.52 -13.37
CA ALA A 22 -14.12 9.02 -14.58
C ALA A 22 -12.65 9.34 -14.37
N GLU A 23 -12.35 10.03 -13.27
CA GLU A 23 -10.99 10.45 -12.95
C GLU A 23 -10.15 9.21 -12.63
N ALA A 24 -10.72 8.31 -11.85
CA ALA A 24 -10.02 7.07 -11.46
C ALA A 24 -9.73 6.18 -12.67
N ASP A 25 -10.69 6.13 -13.59
CA ASP A 25 -10.50 5.45 -14.89
C ASP A 25 -9.32 6.02 -15.71
N GLU A 26 -9.24 7.34 -15.84
CA GLU A 26 -8.13 8.00 -16.54
C GLU A 26 -6.79 7.72 -15.88
N ILE A 27 -6.77 7.83 -14.55
CA ILE A 27 -5.55 7.60 -13.79
C ILE A 27 -5.08 6.16 -13.97
N PHE A 28 -6.00 5.20 -13.86
CA PHE A 28 -5.65 3.77 -14.03
C PHE A 28 -4.99 3.54 -15.41
N GLN A 29 -5.61 4.09 -16.46
CA GLN A 29 -5.04 4.00 -17.80
C GLN A 29 -3.62 4.55 -17.90
N GLU A 30 -3.40 5.73 -17.32
CA GLU A 30 -2.10 6.36 -17.36
C GLU A 30 -1.07 5.61 -16.53
N LEU A 31 -1.47 5.10 -15.37
CA LEU A 31 -0.55 4.26 -14.57
C LEU A 31 -0.15 3.00 -15.35
N GLU A 32 -1.10 2.38 -16.02
CA GLU A 32 -0.81 1.15 -16.76
C GLU A 32 0.15 1.42 -17.92
N LYS A 33 0.02 2.59 -18.52
CA LYS A 33 0.95 3.00 -19.58
C LYS A 33 2.34 3.31 -19.08
N GLU A 34 2.43 4.07 -17.99
CA GLU A 34 3.66 4.74 -17.63
C GLU A 34 4.52 4.13 -16.51
N VAL A 35 3.91 3.43 -15.57
CA VAL A 35 4.69 2.94 -14.45
C VAL A 35 5.71 1.90 -14.92
N GLU A 36 6.95 2.08 -14.47
CA GLU A 36 8.03 1.15 -14.81
C GLU A 36 8.30 0.27 -13.60
N TYR A 37 8.06 -1.03 -13.75
CA TYR A 37 8.19 -1.99 -12.64
C TYR A 37 9.52 -2.70 -12.59
N PHE A 38 9.89 -3.17 -11.40
CA PHE A 38 11.17 -3.86 -11.22
C PHE A 38 11.21 -5.14 -12.01
N THR A 39 12.41 -5.45 -12.52
CA THR A 39 12.72 -6.74 -13.13
C THR A 39 14.00 -7.27 -12.47
N GLY A 40 14.36 -8.52 -12.77
CA GLY A 40 15.59 -9.11 -12.24
C GLY A 40 15.56 -9.39 -10.75
N ALA A 41 16.71 -9.20 -10.11
CA ALA A 41 16.86 -9.51 -8.67
C ALA A 41 15.82 -8.88 -7.75
N LEU A 42 15.43 -7.65 -8.04
CA LEU A 42 14.47 -6.95 -7.18
C LEU A 42 13.08 -7.58 -7.21
N ALA A 43 12.82 -8.41 -8.24
CA ALA A 43 11.54 -9.11 -8.37
C ALA A 43 11.62 -10.55 -7.82
N ARG A 44 12.72 -10.85 -7.16
CA ARG A 44 12.88 -12.15 -6.50
C ARG A 44 13.03 -12.03 -4.96
N VAL A 45 12.52 -13.04 -4.27
CA VAL A 45 12.57 -13.05 -2.80
C VAL A 45 12.83 -14.48 -2.32
N GLN A 46 13.66 -14.60 -1.28
CA GLN A 46 13.93 -15.92 -0.70
C GLN A 46 13.07 -16.08 0.52
N VAL A 47 12.31 -17.16 0.52
CA VAL A 47 11.45 -17.44 1.66
C VAL A 47 11.62 -18.90 2.08
N PHE A 48 12.01 -19.06 3.35
CA PHE A 48 12.32 -20.35 3.94
C PHE A 48 13.28 -21.14 3.06
N GLY A 49 14.28 -20.44 2.53
CA GLY A 49 15.38 -21.02 1.77
C GLY A 49 15.07 -21.32 0.31
N LYS A 50 13.92 -20.88 -0.18
CA LYS A 50 13.55 -21.14 -1.55
C LYS A 50 13.26 -19.83 -2.24
N TRP A 51 13.75 -19.70 -3.45
CA TRP A 51 13.55 -18.47 -4.24
C TRP A 51 12.26 -18.47 -5.04
N HIS A 52 11.56 -17.32 -5.01
CA HIS A 52 10.30 -17.22 -5.68
C HIS A 52 10.25 -15.84 -6.29
N SER A 53 9.38 -15.66 -7.27
CA SER A 53 9.10 -14.30 -7.72
C SER A 53 8.20 -13.61 -6.70
N VAL A 54 8.43 -12.31 -6.51
CA VAL A 54 7.52 -11.50 -5.71
C VAL A 54 6.12 -11.56 -6.36
N PRO A 55 5.05 -11.90 -5.60
CA PRO A 55 3.74 -12.17 -6.21
C PRO A 55 2.92 -10.89 -6.49
N ARG A 56 3.58 -9.96 -7.17
CA ARG A 56 3.01 -8.66 -7.58
C ARG A 56 4.18 -7.85 -8.17
N LYS A 57 3.90 -6.95 -9.12
CA LYS A 57 4.95 -6.11 -9.64
C LYS A 57 5.13 -4.92 -8.68
N GLN A 58 6.34 -4.40 -8.59
CA GLN A 58 6.60 -3.27 -7.70
C GLN A 58 7.44 -2.19 -8.38
N ALA A 59 7.27 -0.96 -7.89
CA ALA A 59 8.12 0.17 -8.29
C ALA A 59 8.12 1.20 -7.19
N THR A 60 9.17 2.01 -7.15
CA THR A 60 9.18 3.18 -6.26
C THR A 60 9.45 4.48 -7.01
N TYR A 61 8.79 5.54 -6.56
CA TYR A 61 9.00 6.88 -7.07
C TYR A 61 9.10 7.83 -5.88
N GLY A 62 9.78 8.95 -6.05
CA GLY A 62 9.85 9.88 -4.94
C GLY A 62 10.60 11.14 -5.29
N ASP A 63 10.74 12.01 -4.30
CA ASP A 63 11.51 13.26 -4.42
C ASP A 63 12.97 13.00 -4.78
N ALA A 64 13.57 13.96 -5.50
CA ALA A 64 15.01 13.94 -5.79
C ALA A 64 15.85 13.89 -4.52
N GLY A 65 16.91 13.06 -4.56
CA GLY A 65 17.89 13.03 -3.50
C GLY A 65 17.63 11.97 -2.45
N LEU A 66 16.47 11.31 -2.54
CA LEU A 66 16.05 10.32 -1.54
C LEU A 66 16.70 8.98 -1.83
N THR A 67 16.99 8.24 -0.77
CA THR A 67 17.35 6.82 -0.90
C THR A 67 16.54 6.02 0.11
N TYR A 68 16.48 4.70 -0.08
CA TYR A 68 15.71 3.81 0.77
C TYR A 68 16.33 2.40 0.67
N THR A 69 15.95 1.51 1.60
CA THR A 69 16.38 0.11 1.60
C THR A 69 15.28 -0.80 1.02
N PHE A 70 15.59 -1.84 0.25
N PHE A 70 15.72 -1.50 -0.01
CA PHE A 70 14.47 -2.66 -0.34
CA PHE A 70 14.96 -2.50 -0.73
C PHE A 70 14.50 -4.21 -0.28
C PHE A 70 15.90 -3.60 -1.24
N SER A 71 15.65 -4.75 -0.65
CA SER A 71 15.97 -6.10 -1.09
C SER A 71 17.30 -6.29 -0.40
N GLY A 72 18.40 -6.25 -1.14
CA GLY A 72 19.72 -6.17 -0.50
C GLY A 72 20.12 -4.72 -0.26
N LEU A 73 19.67 -3.85 -1.17
CA LEU A 73 20.35 -2.61 -1.50
C LEU A 73 19.80 -1.30 -0.92
N THR A 74 20.69 -0.31 -0.86
CA THR A 74 20.29 1.11 -0.81
C THR A 74 20.01 1.58 -2.23
N LEU A 75 18.78 2.05 -2.46
CA LEU A 75 18.30 2.37 -3.80
C LEU A 75 17.77 3.80 -3.86
N SER A 76 17.68 4.33 -5.08
CA SER A 76 17.01 5.61 -5.32
C SER A 76 15.69 5.36 -6.05
N PRO A 77 14.62 6.03 -5.60
CA PRO A 77 13.33 5.93 -6.29
C PRO A 77 13.40 6.68 -7.59
N LYS A 78 12.53 6.33 -8.52
CA LYS A 78 12.47 7.02 -9.80
C LYS A 78 11.90 8.40 -9.61
N PRO A 79 12.31 9.35 -10.45
CA PRO A 79 11.71 10.67 -10.40
C PRO A 79 10.21 10.65 -10.61
N TRP A 80 9.49 11.54 -9.91
CA TRP A 80 8.05 11.60 -10.09
C TRP A 80 7.68 11.76 -11.55
N ILE A 81 6.59 11.10 -11.94
CA ILE A 81 5.93 11.39 -13.21
C ILE A 81 4.58 12.07 -12.96
N PRO A 82 4.06 12.82 -13.94
CA PRO A 82 2.87 13.64 -13.65
C PRO A 82 1.64 12.93 -13.06
N VAL A 83 1.32 11.72 -13.52
CA VAL A 83 0.15 11.02 -12.99
C VAL A 83 0.34 10.79 -11.48
N LEU A 84 1.56 10.50 -11.06
CA LEU A 84 1.84 10.23 -9.63
C LEU A 84 1.72 11.52 -8.84
N GLU A 85 2.22 12.62 -9.42
N GLU A 85 2.23 12.61 -9.42
CA GLU A 85 2.09 13.94 -8.77
CA GLU A 85 2.09 13.95 -8.83
C GLU A 85 0.65 14.42 -8.73
C GLU A 85 0.63 14.34 -8.70
N ARG A 86 -0.16 14.06 -9.74
CA ARG A 86 -1.61 14.35 -9.74
C ARG A 86 -2.30 13.67 -8.54
N ILE A 87 -1.96 12.40 -8.35
CA ILE A 87 -2.51 11.63 -7.23
C ILE A 87 -2.04 12.18 -5.89
N ARG A 88 -0.73 12.39 -5.75
CA ARG A 88 -0.14 12.89 -4.51
C ARG A 88 -0.77 14.23 -4.14
N ASP A 89 -0.87 15.10 -5.14
CA ASP A 89 -1.44 16.45 -4.89
C ASP A 89 -2.87 16.43 -4.39
N HIS A 90 -3.70 15.56 -4.96
CA HIS A 90 -5.09 15.46 -4.54
C HIS A 90 -5.16 14.90 -3.12
N VAL A 91 -4.33 13.90 -2.82
CA VAL A 91 -4.28 13.36 -1.45
C VAL A 91 -3.88 14.44 -0.46
N SER A 92 -2.82 15.17 -0.77
CA SER A 92 -2.32 16.17 0.15
C SER A 92 -3.30 17.34 0.30
N GLY A 93 -3.95 17.70 -0.80
CA GLY A 93 -4.91 18.83 -0.80
C GLY A 93 -6.11 18.54 0.08
N VAL A 94 -6.57 17.29 0.05
CA VAL A 94 -7.75 16.86 0.81
C VAL A 94 -7.40 16.64 2.29
N THR A 95 -6.29 15.94 2.55
CA THR A 95 -5.96 15.47 3.90
C THR A 95 -5.01 16.37 4.68
N GLY A 96 -4.30 17.25 3.98
CA GLY A 96 -3.21 18.03 4.59
C GLY A 96 -1.94 17.28 4.95
N GLN A 97 -1.87 15.99 4.60
CA GLN A 97 -0.67 15.18 4.83
C GLN A 97 0.21 15.27 3.59
N THR A 98 1.52 15.29 3.79
CA THR A 98 2.48 15.40 2.69
C THR A 98 3.38 14.17 2.63
N PHE A 99 3.75 13.79 1.40
CA PHE A 99 4.49 12.56 1.15
C PHE A 99 5.60 12.82 0.15
N ASN A 100 6.70 12.09 0.29
CA ASN A 100 7.84 12.29 -0.61
C ASN A 100 8.24 11.01 -1.32
N PHE A 101 7.45 9.96 -1.12
CA PHE A 101 7.80 8.62 -1.63
C PHE A 101 6.53 7.80 -1.88
N VAL A 102 6.54 6.96 -2.91
CA VAL A 102 5.44 6.01 -3.10
C VAL A 102 5.98 4.64 -3.48
N LEU A 103 5.45 3.60 -2.85
CA LEU A 103 5.63 2.22 -3.31
C LEU A 103 4.40 1.81 -4.09
N ILE A 104 4.62 1.36 -5.32
CA ILE A 104 3.53 0.90 -6.16
C ILE A 104 3.55 -0.61 -6.21
N ASN A 105 2.39 -1.22 -5.98
CA ASN A 105 2.25 -2.66 -6.04
C ASN A 105 1.16 -2.93 -7.07
N ARG A 106 1.47 -3.72 -8.09
CA ARG A 106 0.49 -4.10 -9.09
C ARG A 106 0.16 -5.57 -8.99
N TYR A 107 -1.12 -5.85 -8.73
CA TYR A 107 -1.64 -7.19 -8.60
C TYR A 107 -2.31 -7.55 -9.92
N LYS A 108 -1.68 -8.44 -10.70
CA LYS A 108 -2.22 -8.78 -12.05
C LYS A 108 -3.66 -9.34 -12.04
N ASP A 109 -3.98 -10.07 -10.96
CA ASP A 109 -5.28 -10.65 -10.72
C ASP A 109 -5.25 -11.14 -9.28
N GLY A 110 -6.28 -11.91 -8.93
CA GLY A 110 -6.45 -12.42 -7.58
C GLY A 110 -5.37 -13.35 -7.05
N SER A 111 -4.48 -13.82 -7.94
N SER A 111 -4.52 -13.85 -7.94
CA SER A 111 -3.40 -14.74 -7.53
CA SER A 111 -3.43 -14.74 -7.55
C SER A 111 -2.16 -13.99 -7.09
C SER A 111 -2.28 -13.94 -6.96
N ASP A 112 -2.08 -12.71 -7.45
CA ASP A 112 -1.06 -11.83 -6.89
C ASP A 112 -1.61 -11.35 -5.55
N HIS A 113 -0.72 -11.12 -4.59
CA HIS A 113 -1.17 -10.88 -3.21
C HIS A 113 -0.01 -10.38 -2.38
N ILE A 114 -0.30 -10.03 -1.14
CA ILE A 114 0.75 -9.69 -0.19
C ILE A 114 0.36 -10.27 1.17
N CYS A 115 1.27 -11.02 1.77
CA CYS A 115 0.99 -11.65 3.07
C CYS A 115 0.94 -10.65 4.23
N GLU A 116 0.40 -11.09 5.38
N GLU A 116 0.44 -11.10 5.39
CA GLU A 116 0.26 -10.21 6.56
CA GLU A 116 0.34 -10.25 6.58
C GLU A 116 1.59 -9.61 6.96
C GLU A 116 1.64 -9.61 6.93
N HIS A 117 1.61 -8.29 7.12
CA HIS A 117 2.84 -7.56 7.47
C HIS A 117 2.53 -6.23 8.14
N ARG A 118 3.53 -5.64 8.78
CA ARG A 118 3.46 -4.27 9.22
C ARG A 118 4.50 -3.54 8.42
N ASP A 119 4.16 -2.34 7.95
CA ASP A 119 5.13 -1.50 7.28
C ASP A 119 6.33 -1.18 8.17
N ASP A 120 7.52 -1.28 7.60
CA ASP A 120 8.76 -0.98 8.30
C ASP A 120 8.81 0.51 8.52
N GLU A 121 8.85 0.91 9.80
CA GLU A 121 8.75 2.32 10.17
C GLU A 121 10.09 2.96 10.52
N ARG A 122 11.15 2.16 10.47
CA ARG A 122 12.50 2.58 10.87
C ARG A 122 13.01 3.80 10.10
N GLU A 123 12.76 3.82 8.78
CA GLU A 123 13.20 4.96 7.94
C GLU A 123 12.05 5.92 7.60
N LEU A 124 10.96 5.85 8.34
CA LEU A 124 9.85 6.77 8.15
C LEU A 124 9.91 7.91 9.15
N ALA A 125 9.44 9.10 8.75
CA ALA A 125 9.29 10.23 9.67
C ALA A 125 8.46 9.73 10.86
N PRO A 126 8.94 9.96 12.10
CA PRO A 126 8.22 9.44 13.26
C PRO A 126 6.77 9.89 13.31
N GLY A 127 5.88 8.94 13.62
CA GLY A 127 4.45 9.22 13.73
C GLY A 127 3.66 9.44 12.45
N SER A 128 4.35 9.40 11.30
CA SER A 128 3.73 9.72 9.98
C SER A 128 2.72 8.66 9.53
N PRO A 129 1.62 9.09 8.87
CA PRO A 129 0.65 8.14 8.35
C PRO A 129 1.11 7.57 7.00
N ILE A 130 0.47 6.50 6.55
CA ILE A 130 0.69 5.98 5.19
C ILE A 130 -0.62 6.06 4.43
N ALA A 131 -0.58 6.60 3.21
CA ALA A 131 -1.78 6.76 2.40
C ALA A 131 -1.78 5.72 1.29
N SER A 132 -2.81 4.90 1.29
CA SER A 132 -2.90 3.77 0.35
C SER A 132 -4.01 4.09 -0.66
N VAL A 133 -3.62 4.34 -1.90
CA VAL A 133 -4.55 4.71 -2.95
C VAL A 133 -4.65 3.58 -3.96
N SER A 134 -5.87 3.17 -4.33
CA SER A 134 -6.07 1.96 -5.18
C SER A 134 -6.82 2.27 -6.44
N PHE A 135 -6.38 1.65 -7.55
CA PHE A 135 -7.03 1.78 -8.86
C PHE A 135 -7.20 0.43 -9.49
N GLY A 136 -8.31 0.23 -10.19
CA GLY A 136 -8.57 -1.02 -10.89
C GLY A 136 -9.56 -1.90 -10.16
N ALA A 137 -9.24 -3.19 -10.06
CA ALA A 137 -10.12 -4.17 -9.43
C ALA A 137 -10.23 -3.90 -7.92
N SER A 138 -11.44 -4.03 -7.38
CA SER A 138 -11.61 -4.05 -5.93
C SER A 138 -10.87 -5.27 -5.39
N ARG A 139 -10.16 -5.10 -4.28
CA ARG A 139 -9.52 -6.21 -3.59
C ARG A 139 -9.80 -6.14 -2.10
N ASP A 140 -10.06 -7.31 -1.52
CA ASP A 140 -10.23 -7.44 -0.07
C ASP A 140 -8.93 -7.17 0.67
N PHE A 141 -9.03 -6.34 1.69
CA PHE A 141 -7.89 -5.97 2.52
C PHE A 141 -8.22 -6.43 3.94
N VAL A 142 -7.21 -6.92 4.67
CA VAL A 142 -7.47 -7.48 6.02
C VAL A 142 -6.53 -6.93 7.05
N PHE A 143 -7.08 -6.41 8.17
CA PHE A 143 -6.30 -6.01 9.34
C PHE A 143 -6.42 -7.13 10.37
N ARG A 144 -5.30 -7.59 10.89
CA ARG A 144 -5.31 -8.59 11.97
C ARG A 144 -4.41 -8.10 13.12
N HIS A 145 -4.93 -8.13 14.35
CA HIS A 145 -4.15 -7.63 15.47
C HIS A 145 -2.91 -8.50 15.71
N LYS A 146 -1.79 -7.86 16.07
CA LYS A 146 -0.54 -8.56 16.29
C LYS A 146 -0.61 -9.70 17.31
N ASP A 147 -1.49 -9.57 18.31
CA ASP A 147 -1.63 -10.63 19.33
C ASP A 147 -2.74 -11.62 19.02
N SER A 148 -3.24 -11.59 17.78
CA SER A 148 -4.30 -12.48 17.35
C SER A 148 -3.88 -13.31 16.13
N ARG A 149 -2.58 -13.45 15.92
CA ARG A 149 -2.03 -14.12 14.74
C ARG A 149 -1.66 -15.55 15.06
N GLY A 150 -1.69 -16.41 14.04
CA GLY A 150 -1.18 -17.76 14.16
C GLY A 150 -2.12 -18.78 14.76
N LYS A 151 -1.56 -19.95 15.05
CA LYS A 151 -2.28 -21.16 15.47
C LYS A 151 -3.03 -21.02 16.79
N SER A 152 -2.34 -20.45 17.76
CA SER A 152 -2.89 -20.35 19.11
C SER A 152 -2.72 -18.91 19.63
N PRO A 153 -3.54 -17.99 19.09
CA PRO A 153 -3.35 -16.58 19.37
C PRO A 153 -3.58 -16.28 20.85
N SER A 154 -2.69 -15.49 21.43
CA SER A 154 -2.82 -14.97 22.80
C SER A 154 -4.20 -14.33 23.03
N ARG A 155 -4.68 -13.61 22.01
CA ARG A 155 -5.96 -12.92 22.10
C ARG A 155 -6.81 -13.16 20.86
N ARG A 156 -8.12 -13.11 21.04
CA ARG A 156 -9.06 -13.30 19.93
C ARG A 156 -9.70 -11.97 19.54
N VAL A 157 -8.86 -11.02 19.13
CA VAL A 157 -9.31 -9.71 18.67
C VAL A 157 -9.87 -9.89 17.26
N ALA A 158 -11.05 -9.33 17.02
CA ALA A 158 -11.76 -9.44 15.77
C ALA A 158 -10.93 -8.86 14.61
N VAL A 159 -10.88 -9.62 13.53
CA VAL A 159 -10.26 -9.18 12.27
C VAL A 159 -11.12 -8.06 11.66
N VAL A 160 -10.49 -7.12 10.95
CA VAL A 160 -11.24 -6.03 10.33
C VAL A 160 -11.02 -6.23 8.83
N ARG A 161 -12.11 -6.39 8.08
CA ARG A 161 -12.06 -6.67 6.66
C ARG A 161 -12.75 -5.55 5.90
N LEU A 162 -12.14 -5.09 4.82
CA LEU A 162 -12.87 -4.20 3.93
C LEU A 162 -12.31 -4.25 2.53
N PRO A 163 -13.20 -4.11 1.53
CA PRO A 163 -12.73 -4.02 0.16
C PRO A 163 -12.15 -2.62 -0.10
N LEU A 164 -11.04 -2.58 -0.82
CA LEU A 164 -10.47 -1.32 -1.26
C LEU A 164 -10.90 -1.14 -2.69
N ALA A 165 -11.74 -0.13 -2.92
CA ALA A 165 -12.38 0.07 -4.20
C ALA A 165 -11.54 0.94 -5.12
N HIS A 166 -11.87 0.87 -6.40
CA HIS A 166 -11.35 1.78 -7.45
C HIS A 166 -11.44 3.27 -7.08
N GLY A 167 -10.30 3.93 -7.05
CA GLY A 167 -10.22 5.34 -6.66
C GLY A 167 -10.26 5.61 -5.16
N SER A 168 -10.08 4.57 -4.34
CA SER A 168 -10.21 4.77 -2.90
C SER A 168 -8.90 5.19 -2.25
N LEU A 169 -9.04 5.86 -1.12
CA LEU A 169 -7.94 6.19 -0.23
C LEU A 169 -8.19 5.55 1.13
N LEU A 170 -7.21 4.76 1.58
CA LEU A 170 -7.12 4.30 2.97
C LEU A 170 -5.93 4.98 3.63
N MET A 171 -6.25 5.82 4.61
N MET A 171 -6.21 5.84 4.61
CA MET A 171 -5.27 6.46 5.47
CA MET A 171 -5.14 6.49 5.39
C MET A 171 -5.02 5.55 6.65
C MET A 171 -4.90 5.78 6.71
N MET A 172 -3.78 5.09 6.81
CA MET A 172 -3.41 4.33 8.00
C MET A 172 -2.58 5.18 8.95
N ASN A 173 -3.17 5.52 10.09
CA ASN A 173 -2.50 6.38 11.06
C ASN A 173 -1.92 5.64 12.24
N HIS A 174 -0.81 6.16 12.78
N HIS A 174 -0.82 6.16 12.79
CA HIS A 174 -0.23 5.69 14.05
CA HIS A 174 -0.26 5.65 14.03
C HIS A 174 -1.35 5.58 15.09
C HIS A 174 -1.38 5.55 15.08
N PRO A 175 -1.36 4.49 15.90
CA PRO A 175 -0.38 3.40 15.94
C PRO A 175 -0.82 2.12 15.23
N THR A 176 -1.65 2.24 14.18
CA THR A 176 -2.15 1.08 13.45
C THR A 176 -1.03 0.10 13.09
N ASN A 177 0.07 0.64 12.56
N ASN A 177 0.07 0.63 12.59
CA ASN A 177 1.19 -0.16 12.06
CA ASN A 177 1.13 -0.21 12.08
C ASN A 177 2.11 -0.72 13.16
C ASN A 177 1.97 -0.87 13.17
N THR A 178 1.75 -0.44 14.41
CA THR A 178 2.43 -1.06 15.56
C THR A 178 1.67 -2.29 15.99
N HIS A 179 0.35 -2.17 16.07
CA HIS A 179 -0.49 -3.20 16.68
C HIS A 179 -1.17 -4.13 15.69
N TRP A 180 -1.25 -3.72 14.42
CA TRP A 180 -1.99 -4.50 13.44
C TRP A 180 -1.12 -4.86 12.25
N TYR A 181 -1.31 -6.07 11.75
CA TYR A 181 -0.73 -6.51 10.46
C TYR A 181 -1.82 -6.38 9.41
N HIS A 182 -1.44 -6.08 8.17
CA HIS A 182 -2.43 -6.07 7.12
C HIS A 182 -1.96 -6.90 5.93
N SER A 183 -2.93 -7.28 5.11
CA SER A 183 -2.68 -8.18 4.00
C SER A 183 -3.69 -7.95 2.90
N LEU A 184 -3.32 -8.38 1.69
CA LEU A 184 -4.24 -8.43 0.56
C LEU A 184 -4.27 -9.89 0.15
N PRO A 185 -5.27 -10.64 0.66
CA PRO A 185 -5.25 -12.08 0.45
C PRO A 185 -5.54 -12.53 -1.00
N VAL A 186 -5.11 -13.74 -1.35
CA VAL A 186 -5.44 -14.34 -2.64
C VAL A 186 -6.96 -14.46 -2.77
N ARG A 187 -7.47 -14.00 -3.92
CA ARG A 187 -8.88 -14.11 -4.27
C ARG A 187 -8.98 -14.54 -5.72
N LYS A 188 -8.96 -15.87 -5.91
CA LYS A 188 -8.82 -16.47 -7.25
C LYS A 188 -9.90 -16.08 -8.26
N LYS A 189 -11.06 -15.66 -7.77
CA LYS A 189 -12.17 -15.21 -8.61
C LYS A 189 -11.97 -13.80 -9.19
N VAL A 190 -10.98 -13.06 -8.68
CA VAL A 190 -10.68 -11.75 -9.23
C VAL A 190 -9.74 -11.95 -10.42
N LEU A 191 -10.17 -11.51 -11.58
CA LEU A 191 -9.44 -11.79 -12.82
C LEU A 191 -8.76 -10.55 -13.38
N ALA A 192 -9.08 -9.38 -12.81
CA ALA A 192 -8.64 -8.08 -13.31
C ALA A 192 -7.52 -7.48 -12.43
N PRO A 193 -6.65 -6.62 -13.05
CA PRO A 193 -5.53 -6.01 -12.30
C PRO A 193 -5.91 -4.88 -11.37
N ARG A 194 -5.08 -4.69 -10.36
CA ARG A 194 -5.23 -3.60 -9.41
C ARG A 194 -3.88 -2.97 -9.22
N VAL A 195 -3.84 -1.65 -9.22
CA VAL A 195 -2.60 -0.91 -8.88
C VAL A 195 -2.79 -0.18 -7.58
N ASN A 196 -1.93 -0.50 -6.61
CA ASN A 196 -2.01 0.19 -5.33
C ASN A 196 -0.78 1.07 -5.12
N LEU A 197 -1.02 2.29 -4.65
CA LEU A 197 0.04 3.23 -4.37
C LEU A 197 0.07 3.50 -2.87
N THR A 198 1.17 3.16 -2.22
CA THR A 198 1.28 3.49 -0.78
C THR A 198 2.29 4.62 -0.59
N PHE A 199 1.77 5.81 -0.32
CA PHE A 199 2.59 7.01 -0.16
C PHE A 199 3.11 7.05 1.28
N ARG A 200 4.36 7.48 1.42
CA ARG A 200 5.03 7.48 2.71
C ARG A 200 5.87 8.73 2.83
N LYS A 201 6.17 9.09 4.07
CA LYS A 201 7.07 10.19 4.33
C LYS A 201 8.35 9.60 4.87
N ILE A 202 9.38 9.51 4.03
CA ILE A 202 10.63 8.90 4.46
C ILE A 202 11.63 9.96 4.97
N LEU A 203 12.53 9.53 5.84
CA LEU A 203 13.60 10.39 6.37
C LEU A 203 14.56 10.75 5.24
N LEU A 204 15.03 11.99 5.24
CA LEU A 204 15.95 12.45 4.20
C LEU A 204 17.31 11.77 4.25
MN MN D . 1.82 -2.54 3.95
C1 AKG E . 2.46 -2.74 1.10
O1 AKG E . 3.09 -2.88 0.06
O2 AKG E . 3.15 -2.37 2.19
C2 AKG E . 1.02 -2.97 1.19
O5 AKG E . 0.49 -3.10 2.29
C3 AKG E . 0.18 -3.10 -0.07
C4 AKG E . -1.28 -3.30 0.36
C5 AKG E . -2.20 -3.06 -0.84
O3 AKG E . -3.25 -2.49 -0.68
O4 AKG E . -1.85 -3.47 -2.04
C1 GOL F . 5.03 -12.52 -10.45
O1 GOL F . 5.28 -13.87 -10.86
C2 GOL F . 3.83 -11.97 -11.21
O2 GOL F . 2.68 -12.74 -10.83
C3 GOL F . 3.64 -10.49 -10.82
O3 GOL F . 2.50 -9.91 -11.46
C1 GOL G . -15.80 -2.30 11.47
O1 GOL G . -15.38 -3.50 10.81
C2 GOL G . -14.67 -1.82 12.38
O2 GOL G . -15.14 -1.68 13.73
C3 GOL G . -14.18 -0.47 11.87
O3 GOL G . -14.72 0.61 12.64
C1 GOL H . -7.56 -15.39 3.00
O1 GOL H . -8.56 -15.60 1.99
C2 GOL H . -8.25 -15.05 4.32
O2 GOL H . -9.35 -14.14 4.09
C3 GOL H . -7.21 -14.39 5.21
O3 GOL H . -7.38 -12.97 5.17
CA XL3 I . 0.96 -18.52 3.16
CB XL3 I . 1.74 -17.33 3.70
CC XL3 I . 0.84 -16.16 4.11
SG XL3 I . 0.39 -15.20 2.64
#